data_1D9Z
#
_entry.id   1D9Z
#
_cell.length_a   153.443
_cell.length_b   153.443
_cell.length_c   80.741
_cell.angle_alpha   90.00
_cell.angle_beta   90.00
_cell.angle_gamma   120.00
#
_symmetry.space_group_name_H-M   'P 31 2 1'
#
loop_
_entity.id
_entity.type
_entity.pdbx_description
1 polymer 'EXCINUCLEASE UVRABC COMPONENT UVRB'
2 non-polymer 'MAGNESIUM ION'
3 non-polymer 'ZINC ION'
4 non-polymer "ADENOSINE-5'-TRIPHOSPHATE"
#
_entity_poly.entity_id   1
_entity_poly.type   'polypeptide(L)'
_entity_poly.pdbx_seq_one_letter_code
;VEGRFQLVAPYEPQGDQPQAIAKLVDGLRRGVKHQTLLGATGTGKTFTISNVIAQVNKPTLVIAHNKTLAGQLYSELKEF
FPHNAVEYFVSYYDYYQPEAYVPQTDTYIEKDAKINDEIDKLRHSATSALFERRDVIIVASVSCIYGLGSPEEYRELVVS
LRVGMEIERNALLRRLVDIQYDRNDIDFRGTFRVRGDVVEIFPASRDEHCIRVEFFGDEIERIREVDALTGKVLGEREHV
AIFPASHFVTREEKMRLAIQNIEQELEERLAELRAQGKLLEAQRLEQRTRYDLEMMREMGFCSGIENYSRHLALRPPGST
PYTLLDYFPDDFLIIVDESHVTLPQLRGMYNGDRARKQVLVDHGFRLPSALDNRPLTFEEFEQKINQIIYVSATPGPYEL
EHSPGVVEQIIRPTGLLDPTIDVRPTKGQIDDLIGEIRERVERNERTLVTTLTKKMAEDLTDYLKEAGIKVAYLHSEIKT
LERIEIIRDLRLGKYDVLVGINLLREGLDIPEVSLVAILDADKEGFLRSERSLIQTIGRAARNANGHVIMYADTITKSME
IAIQETKRRRAIQEEYNRKHGIVPRTVKKEIRDVIRATYAAEETEMYEAKPAAAMTKQEREELIRTLEAEMKEAAKALDF
ERAAQLRDIIFELKAEG
;
_entity_poly.pdbx_strand_id   A
#
loop_
_chem_comp.id
_chem_comp.type
_chem_comp.name
_chem_comp.formula
ATP non-polymer ADENOSINE-5'-TRIPHOSPHATE 'C10 H16 N5 O13 P3'
MG non-polymer 'MAGNESIUM ION' 'Mg 2'
ZN non-polymer 'ZINC ION' 'Zn 2'
#
# COMPACT_ATOMS: atom_id res chain seq x y z
N GLU A 2 -18.71 -17.36 -10.59
CA GLU A 2 -19.36 -17.15 -9.25
C GLU A 2 -19.73 -15.69 -8.99
N GLY A 3 -19.64 -15.26 -7.72
CA GLY A 3 -19.92 -13.87 -7.42
C GLY A 3 -20.69 -13.66 -6.13
N ARG A 4 -20.31 -14.37 -5.06
CA ARG A 4 -20.98 -14.19 -3.77
C ARG A 4 -20.03 -14.00 -2.59
N PHE A 5 -20.09 -12.82 -1.98
CA PHE A 5 -19.27 -12.48 -0.83
C PHE A 5 -19.77 -13.12 0.45
N GLN A 6 -18.85 -13.80 1.14
CA GLN A 6 -19.17 -14.49 2.37
C GLN A 6 -18.31 -13.89 3.47
N LEU A 7 -18.89 -13.01 4.28
CA LEU A 7 -18.18 -12.36 5.37
C LEU A 7 -18.21 -13.05 6.73
N VAL A 8 -17.15 -13.79 7.06
CA VAL A 8 -17.03 -14.48 8.34
C VAL A 8 -16.69 -13.44 9.40
N ALA A 9 -16.83 -13.77 10.68
CA ALA A 9 -16.50 -12.85 11.78
C ALA A 9 -17.01 -13.31 13.15
N PRO A 10 -16.17 -13.26 14.17
CA PRO A 10 -16.56 -13.64 15.53
C PRO A 10 -17.48 -12.64 16.22
N TYR A 11 -17.11 -11.37 16.25
CA TYR A 11 -17.93 -10.35 16.88
C TYR A 11 -19.21 -10.05 16.12
N GLU A 12 -19.64 -8.81 16.26
CA GLU A 12 -20.85 -8.27 15.64
C GLU A 12 -20.70 -6.75 15.65
N PRO A 13 -21.40 -6.05 14.79
CA PRO A 13 -21.27 -4.60 14.77
C PRO A 13 -21.58 -4.01 16.13
N GLN A 14 -20.56 -3.50 16.84
CA GLN A 14 -20.77 -2.88 18.13
C GLN A 14 -20.84 -1.38 17.95
N GLY A 15 -20.20 -0.60 18.80
CA GLY A 15 -20.25 0.84 18.73
C GLY A 15 -21.38 1.43 17.89
N ASP A 16 -21.08 2.42 17.07
CA ASP A 16 -22.10 3.00 16.19
C ASP A 16 -21.74 2.57 14.75
N GLN A 17 -21.13 1.40 14.66
CA GLN A 17 -20.79 0.79 13.40
C GLN A 17 -21.96 0.72 12.41
N PRO A 18 -23.09 0.17 12.83
CA PRO A 18 -24.27 0.03 11.98
C PRO A 18 -24.73 1.31 11.32
N GLN A 19 -24.88 2.36 12.12
CA GLN A 19 -25.32 3.61 11.53
C GLN A 19 -24.36 3.92 10.39
N ALA A 20 -23.08 3.74 10.68
CA ALA A 20 -22.01 4.03 9.72
C ALA A 20 -22.19 3.17 8.47
N ILE A 21 -21.81 1.90 8.64
CA ILE A 21 -21.98 0.96 7.56
C ILE A 21 -23.13 1.38 6.66
N ALA A 22 -24.35 0.97 7.01
CA ALA A 22 -25.54 1.29 6.25
C ALA A 22 -25.65 2.70 5.69
N LYS A 23 -25.08 3.70 6.33
CA LYS A 23 -25.13 5.03 5.70
C LYS A 23 -24.34 5.02 4.41
N LEU A 24 -23.11 4.50 4.47
CA LEU A 24 -22.27 4.40 3.29
C LEU A 24 -22.95 3.61 2.17
N VAL A 25 -23.30 2.35 2.52
CA VAL A 25 -24.01 1.48 1.59
C VAL A 25 -25.08 2.25 0.82
N ASP A 26 -26.17 2.59 1.51
CA ASP A 26 -27.21 3.40 0.90
C ASP A 26 -26.62 4.42 -0.08
N GLY A 27 -25.62 5.17 0.33
CA GLY A 27 -24.97 6.18 -0.46
C GLY A 27 -24.26 5.74 -1.74
N LEU A 28 -23.83 4.47 -1.78
CA LEU A 28 -23.20 3.94 -2.98
C LEU A 28 -24.40 3.85 -3.94
N ARG A 29 -25.30 2.95 -3.52
CA ARG A 29 -26.53 2.68 -4.26
C ARG A 29 -27.20 3.91 -4.79
N ARG A 30 -27.43 4.91 -3.96
CA ARG A 30 -27.96 6.17 -4.48
C ARG A 30 -27.04 6.82 -5.52
N GLY A 31 -26.01 6.15 -5.99
CA GLY A 31 -25.08 6.60 -6.96
C GLY A 31 -24.24 7.83 -6.64
N VAL A 32 -23.40 7.76 -5.61
CA VAL A 32 -22.60 8.91 -5.20
C VAL A 32 -21.13 8.57 -5.43
N LYS A 33 -20.35 9.55 -5.82
CA LYS A 33 -18.93 9.31 -6.09
C LYS A 33 -18.13 9.19 -4.80
N HIS A 34 -17.95 10.30 -4.07
CA HIS A 34 -17.10 10.35 -2.88
C HIS A 34 -17.86 10.34 -1.56
N GLN A 35 -17.40 9.54 -0.62
CA GLN A 35 -17.95 9.42 0.71
C GLN A 35 -16.77 9.34 1.68
N THR A 36 -16.86 9.99 2.83
CA THR A 36 -15.77 9.88 3.80
C THR A 36 -16.10 9.30 5.16
N LEU A 37 -15.37 8.27 5.53
CA LEU A 37 -15.58 7.63 6.82
C LEU A 37 -14.70 8.28 7.89
N LEU A 38 -15.34 8.93 8.87
CA LEU A 38 -14.61 9.55 9.96
C LEU A 38 -14.63 8.64 11.19
N GLY A 39 -13.67 7.74 11.29
CA GLY A 39 -13.58 6.82 12.40
C GLY A 39 -12.45 7.06 13.37
N ALA A 40 -12.72 7.12 14.66
CA ALA A 40 -11.71 7.38 15.65
C ALA A 40 -10.76 6.19 15.73
N THR A 41 -9.67 6.40 16.45
CA THR A 41 -8.68 5.32 16.50
C THR A 41 -9.30 4.20 17.29
N GLY A 42 -8.86 2.98 17.08
CA GLY A 42 -9.32 1.81 17.77
C GLY A 42 -10.82 1.61 17.88
N THR A 43 -11.62 2.15 16.95
CA THR A 43 -13.05 2.00 16.94
C THR A 43 -13.47 0.92 15.94
N GLY A 44 -12.49 0.30 15.31
CA GLY A 44 -12.77 -0.76 14.36
C GLY A 44 -13.28 -0.25 13.02
N LYS A 45 -12.37 0.14 12.14
CA LYS A 45 -12.72 0.62 10.82
C LYS A 45 -12.58 -0.52 9.81
N THR A 46 -11.40 -1.15 9.84
CA THR A 46 -11.09 -2.29 9.00
C THR A 46 -12.27 -3.25 8.89
N PHE A 47 -12.97 -3.49 9.99
CA PHE A 47 -14.11 -4.36 10.03
C PHE A 47 -15.36 -3.72 9.47
N THR A 48 -15.69 -2.54 9.97
CA THR A 48 -16.85 -1.84 9.45
C THR A 48 -16.79 -1.90 7.93
N ILE A 49 -15.62 -1.60 7.41
CA ILE A 49 -15.39 -1.58 5.97
C ILE A 49 -15.75 -2.85 5.22
N SER A 50 -15.29 -4.00 5.72
CA SER A 50 -15.57 -5.26 5.08
C SER A 50 -17.07 -5.50 4.97
N ASN A 51 -17.83 -4.99 5.93
CA ASN A 51 -19.27 -5.13 5.95
C ASN A 51 -19.91 -4.44 4.75
N VAL A 52 -19.53 -3.18 4.55
CA VAL A 52 -20.04 -2.42 3.43
C VAL A 52 -19.69 -3.15 2.14
N ILE A 53 -18.42 -3.55 2.02
CA ILE A 53 -17.95 -4.32 0.88
C ILE A 53 -18.94 -5.40 0.49
N ALA A 54 -19.23 -6.28 1.47
CA ALA A 54 -20.11 -7.42 1.28
C ALA A 54 -21.56 -7.04 1.00
N GLN A 55 -21.98 -5.88 1.45
CA GLN A 55 -23.37 -5.48 1.17
C GLN A 55 -23.51 -5.04 -0.29
N VAL A 56 -22.41 -4.61 -0.93
CA VAL A 56 -22.43 -4.16 -2.30
C VAL A 56 -21.88 -5.19 -3.31
N ASN A 57 -21.38 -6.31 -2.79
CA ASN A 57 -20.81 -7.35 -3.64
C ASN A 57 -20.23 -6.79 -4.94
N LYS A 58 -19.07 -6.16 -4.83
CA LYS A 58 -18.36 -5.58 -5.96
C LYS A 58 -16.90 -5.86 -5.67
N PRO A 59 -16.03 -5.72 -6.64
CA PRO A 59 -14.61 -6.00 -6.42
C PRO A 59 -13.88 -4.72 -6.13
N THR A 60 -12.83 -4.77 -5.31
CA THR A 60 -12.22 -3.51 -4.88
C THR A 60 -10.71 -3.59 -4.65
N LEU A 61 -10.13 -2.40 -4.67
CA LEU A 61 -8.68 -2.30 -4.43
C LEU A 61 -8.56 -1.42 -3.20
N VAL A 62 -7.87 -1.93 -2.19
CA VAL A 62 -7.68 -1.14 -0.98
C VAL A 62 -6.26 -0.62 -1.00
N ILE A 63 -6.10 0.67 -1.24
CA ILE A 63 -4.78 1.29 -1.32
C ILE A 63 -4.31 1.77 0.04
N ALA A 64 -3.20 1.20 0.49
CA ALA A 64 -2.58 1.63 1.74
C ALA A 64 -1.38 2.48 1.38
N HIS A 65 -0.85 3.28 2.28
CA HIS A 65 0.28 4.14 1.91
C HIS A 65 1.70 3.65 2.20
N ASN A 66 1.88 2.36 2.45
CA ASN A 66 3.24 1.87 2.66
C ASN A 66 3.19 0.35 2.79
N LYS A 67 4.31 -0.28 2.49
CA LYS A 67 4.48 -1.74 2.54
C LYS A 67 3.82 -2.40 3.75
N THR A 68 4.31 -2.06 4.93
CA THR A 68 3.77 -2.63 6.15
C THR A 68 2.25 -2.57 6.21
N LEU A 69 1.71 -1.36 6.23
CA LEU A 69 0.26 -1.22 6.24
C LEU A 69 -0.44 -2.07 5.20
N ALA A 70 0.01 -2.06 3.95
CA ALA A 70 -0.60 -2.89 2.93
C ALA A 70 -0.66 -4.30 3.46
N GLY A 71 0.33 -4.68 4.27
CA GLY A 71 0.40 -5.96 4.90
C GLY A 71 -0.66 -6.25 5.93
N GLN A 72 -0.69 -5.49 7.03
CA GLN A 72 -1.70 -5.73 8.06
C GLN A 72 -3.07 -5.92 7.40
N LEU A 73 -3.47 -4.91 6.62
CA LEU A 73 -4.73 -4.95 5.90
C LEU A 73 -4.92 -6.26 5.16
N TYR A 74 -3.86 -6.79 4.59
CA TYR A 74 -3.91 -8.05 3.86
C TYR A 74 -4.52 -9.14 4.75
N SER A 75 -3.68 -9.70 5.63
CA SER A 75 -4.06 -10.78 6.52
C SER A 75 -5.42 -10.51 7.12
N GLU A 76 -5.54 -9.38 7.80
CA GLU A 76 -6.84 -8.97 8.34
C GLU A 76 -8.00 -9.36 7.43
N LEU A 77 -8.04 -8.75 6.24
CA LEU A 77 -9.07 -9.01 5.24
C LEU A 77 -9.15 -10.46 4.85
N LYS A 78 -8.07 -11.20 5.07
CA LYS A 78 -8.07 -12.63 4.84
C LYS A 78 -8.98 -13.35 5.82
N GLU A 79 -8.78 -13.11 7.12
CA GLU A 79 -9.58 -13.74 8.15
C GLU A 79 -11.04 -13.42 7.93
N PHE A 80 -11.32 -12.24 7.41
CA PHE A 80 -12.70 -11.83 7.13
C PHE A 80 -13.33 -12.63 6.00
N PHE A 81 -12.61 -12.82 4.89
CA PHE A 81 -13.10 -13.56 3.74
C PHE A 81 -12.06 -14.56 3.25
N PRO A 82 -12.11 -15.78 3.74
CA PRO A 82 -11.15 -16.81 3.35
C PRO A 82 -11.69 -17.68 2.23
N HIS A 83 -12.94 -17.39 1.84
CA HIS A 83 -13.64 -18.14 0.82
C HIS A 83 -13.80 -17.29 -0.44
N ASN A 84 -13.08 -16.18 -0.49
CA ASN A 84 -13.16 -15.29 -1.63
C ASN A 84 -11.74 -14.95 -2.09
N ALA A 85 -11.63 -14.07 -3.09
CA ALA A 85 -10.38 -13.66 -3.68
C ALA A 85 -9.71 -12.45 -3.06
N VAL A 86 -8.57 -12.69 -2.40
CA VAL A 86 -7.83 -11.62 -1.71
C VAL A 86 -6.36 -11.62 -2.12
N GLU A 87 -5.96 -10.66 -2.95
CA GLU A 87 -4.56 -10.59 -3.42
C GLU A 87 -3.75 -9.41 -2.89
N TYR A 88 -2.43 -9.49 -3.02
CA TYR A 88 -1.49 -8.50 -2.47
C TYR A 88 -0.59 -7.86 -3.51
N PHE A 89 -1.07 -6.84 -4.21
CA PHE A 89 -0.29 -6.17 -5.22
C PHE A 89 0.68 -5.13 -4.67
N VAL A 90 1.95 -5.48 -4.70
CA VAL A 90 3.00 -4.55 -4.28
C VAL A 90 4.05 -4.44 -5.38
N SER A 91 5.20 -3.84 -5.14
CA SER A 91 6.24 -3.69 -6.14
C SER A 91 7.59 -3.32 -5.57
N TYR A 92 8.61 -3.31 -6.43
CA TYR A 92 9.98 -3.01 -6.04
C TYR A 92 10.24 -1.52 -5.91
N TYR A 93 9.26 -0.76 -5.45
CA TYR A 93 9.36 0.65 -5.19
C TYR A 93 9.55 0.71 -3.67
N ASP A 94 9.03 -0.36 -3.04
CA ASP A 94 9.07 -0.54 -1.61
C ASP A 94 10.40 -1.19 -1.23
N TYR A 95 11.50 -0.75 -1.84
CA TYR A 95 12.82 -1.26 -1.62
C TYR A 95 13.98 -0.65 -2.42
N TYR A 96 14.33 -1.25 -3.55
CA TYR A 96 15.45 -0.88 -4.40
C TYR A 96 15.61 0.54 -4.94
N GLN A 97 16.57 0.69 -5.86
CA GLN A 97 16.94 1.97 -6.44
C GLN A 97 16.45 2.21 -7.87
N PRO A 98 15.73 3.30 -8.08
CA PRO A 98 15.18 3.71 -9.36
C PRO A 98 16.25 4.22 -10.32
N GLU A 99 17.10 3.32 -10.83
CA GLU A 99 18.16 3.68 -11.75
C GLU A 99 18.24 5.18 -12.05
N ALA A 100 18.92 5.94 -11.18
CA ALA A 100 19.07 7.38 -11.37
C ALA A 100 20.54 7.75 -11.62
N TYR A 101 20.84 9.05 -11.61
CA TYR A 101 22.21 9.49 -11.83
C TYR A 101 22.58 10.80 -11.16
N VAL A 102 23.61 10.74 -10.32
CA VAL A 102 24.15 11.92 -9.64
C VAL A 102 25.22 12.56 -10.51
N PRO A 103 24.88 13.63 -11.21
CA PRO A 103 25.74 14.37 -12.13
C PRO A 103 27.05 14.89 -11.55
N GLN A 104 26.95 15.65 -10.47
CA GLN A 104 28.10 16.23 -9.78
C GLN A 104 29.12 15.15 -9.48
N THR A 105 28.78 14.17 -8.65
CA THR A 105 29.66 13.06 -8.37
C THR A 105 29.80 12.16 -9.60
N ASP A 106 29.33 12.60 -10.75
CA ASP A 106 29.36 11.90 -12.00
C ASP A 106 29.36 10.40 -11.69
N THR A 107 28.30 9.94 -11.02
CA THR A 107 28.21 8.56 -10.58
C THR A 107 26.91 7.84 -10.92
N TYR A 108 27.00 6.84 -11.79
CA TYR A 108 25.83 6.11 -12.30
C TYR A 108 25.38 5.01 -11.34
N ILE A 109 24.06 4.76 -11.33
CA ILE A 109 23.45 3.76 -10.48
C ILE A 109 22.43 2.90 -11.21
N GLU A 110 22.81 1.67 -11.58
CA GLU A 110 21.98 0.79 -12.38
C GLU A 110 20.73 0.32 -11.65
N LYS A 111 19.76 -0.15 -12.43
CA LYS A 111 18.49 -0.66 -11.90
C LYS A 111 18.81 -1.96 -11.15
N ASP A 112 19.39 -1.82 -9.97
CA ASP A 112 19.73 -3.04 -9.24
C ASP A 112 18.52 -3.42 -8.40
N ALA A 113 17.86 -4.48 -8.87
CA ALA A 113 16.68 -4.97 -8.18
C ALA A 113 16.57 -6.46 -8.53
N LYS A 114 16.70 -7.29 -7.50
CA LYS A 114 16.56 -8.73 -7.71
C LYS A 114 15.06 -9.03 -7.80
N ILE A 115 14.70 -10.09 -8.53
CA ILE A 115 13.28 -10.47 -8.62
C ILE A 115 12.94 -11.31 -7.39
N ASN A 116 12.16 -10.76 -6.46
CA ASN A 116 11.79 -11.45 -5.22
C ASN A 116 10.51 -12.26 -5.36
N ASP A 117 10.48 -13.16 -6.33
CA ASP A 117 9.41 -14.06 -6.71
C ASP A 117 8.10 -13.99 -5.94
N GLU A 118 8.14 -14.04 -4.61
CA GLU A 118 6.95 -13.93 -3.79
C GLU A 118 6.09 -12.78 -4.33
N ILE A 119 6.71 -11.61 -4.48
CA ILE A 119 6.12 -10.44 -5.08
C ILE A 119 5.39 -10.81 -6.37
N ASP A 120 6.21 -11.00 -7.40
CA ASP A 120 5.75 -11.40 -8.72
C ASP A 120 4.63 -12.43 -8.63
N LYS A 121 4.81 -13.44 -7.78
CA LYS A 121 3.80 -14.46 -7.58
C LYS A 121 2.40 -13.88 -7.38
N LEU A 122 2.33 -12.92 -6.47
CA LEU A 122 1.05 -12.31 -6.11
C LEU A 122 0.63 -11.19 -7.05
N ARG A 123 1.60 -10.69 -7.80
CA ARG A 123 1.29 -9.68 -8.79
C ARG A 123 0.46 -10.35 -9.88
N HIS A 124 0.90 -11.55 -10.24
CA HIS A 124 0.20 -12.32 -11.25
C HIS A 124 -1.13 -12.89 -10.82
N SER A 125 -1.24 -13.28 -9.56
CA SER A 125 -2.52 -13.83 -9.07
C SER A 125 -3.59 -12.74 -9.00
N ALA A 126 -3.08 -11.54 -8.69
CA ALA A 126 -3.91 -10.36 -8.60
C ALA A 126 -4.55 -9.98 -9.93
N THR A 127 -3.70 -9.90 -10.96
CA THR A 127 -4.19 -9.54 -12.28
C THR A 127 -5.25 -10.53 -12.75
N SER A 128 -4.87 -11.80 -12.78
CA SER A 128 -5.72 -12.89 -13.20
C SER A 128 -7.12 -12.88 -12.62
N ALA A 129 -7.14 -12.88 -11.27
CA ALA A 129 -8.37 -12.92 -10.50
C ALA A 129 -9.47 -12.02 -11.03
N LEU A 130 -9.12 -10.86 -11.56
CA LEU A 130 -10.08 -9.91 -12.07
C LEU A 130 -10.81 -10.24 -13.37
N PHE A 131 -10.44 -11.34 -14.01
CA PHE A 131 -11.10 -11.71 -15.26
C PHE A 131 -11.91 -12.98 -15.12
N GLU A 132 -11.83 -13.58 -13.94
CA GLU A 132 -12.53 -14.82 -13.60
C GLU A 132 -13.71 -14.62 -12.66
N ARG A 133 -13.45 -14.17 -11.44
CA ARG A 133 -14.52 -13.95 -10.47
C ARG A 133 -14.85 -12.48 -10.29
N ARG A 134 -15.95 -12.25 -9.58
CA ARG A 134 -16.39 -10.88 -9.30
C ARG A 134 -16.19 -10.60 -7.80
N ASP A 135 -15.71 -11.62 -7.08
CA ASP A 135 -15.50 -11.48 -5.66
C ASP A 135 -14.01 -11.39 -5.33
N VAL A 136 -13.40 -10.26 -5.70
CA VAL A 136 -11.96 -10.11 -5.45
C VAL A 136 -11.65 -8.87 -4.63
N ILE A 137 -10.58 -8.99 -3.87
CA ILE A 137 -10.06 -7.93 -3.03
C ILE A 137 -8.55 -7.89 -3.14
N ILE A 138 -8.01 -6.71 -3.44
CA ILE A 138 -6.58 -6.53 -3.58
C ILE A 138 -6.12 -5.33 -2.76
N VAL A 139 -5.17 -5.59 -1.87
CA VAL A 139 -4.58 -4.53 -1.07
C VAL A 139 -3.35 -4.12 -1.87
N ALA A 140 -3.04 -2.84 -1.91
CA ALA A 140 -1.88 -2.38 -2.65
C ALA A 140 -1.33 -1.06 -2.13
N SER A 141 -0.09 -0.80 -2.52
CA SER A 141 0.60 0.45 -2.16
C SER A 141 0.26 1.55 -3.14
N VAL A 142 0.85 2.73 -2.93
CA VAL A 142 0.64 3.83 -3.89
C VAL A 142 1.07 3.31 -5.25
N SER A 143 2.03 2.41 -5.28
CA SER A 143 2.53 1.74 -6.45
C SER A 143 1.53 1.16 -7.46
N CYS A 144 0.26 1.05 -7.16
CA CYS A 144 -0.70 0.57 -8.12
C CYS A 144 -0.94 1.55 -9.26
N ILE A 145 -0.57 2.82 -9.11
CA ILE A 145 -0.80 3.80 -10.16
C ILE A 145 0.41 3.86 -11.06
N TYR A 146 1.18 2.79 -11.10
CA TYR A 146 2.35 2.64 -11.94
C TYR A 146 2.08 1.98 -13.28
N GLY A 147 2.81 2.41 -14.30
CA GLY A 147 2.61 1.86 -15.64
C GLY A 147 2.68 0.34 -15.69
N LEU A 148 1.91 -0.26 -16.57
CA LEU A 148 1.84 -1.72 -16.68
C LEU A 148 1.40 -2.06 -18.11
N GLY A 149 1.70 -3.28 -18.53
CA GLY A 149 1.32 -3.68 -19.89
C GLY A 149 -0.18 -3.46 -20.03
N SER A 150 -0.64 -3.34 -21.25
CA SER A 150 -2.07 -3.19 -21.47
C SER A 150 -2.80 -4.43 -20.99
N PRO A 151 -4.03 -4.25 -20.52
CA PRO A 151 -4.88 -5.34 -20.05
C PRO A 151 -5.54 -6.13 -21.16
N GLU A 152 -6.11 -5.43 -22.14
CA GLU A 152 -6.71 -6.08 -23.30
C GLU A 152 -5.74 -7.07 -23.94
N GLU A 153 -4.46 -6.69 -24.04
CA GLU A 153 -3.43 -7.55 -24.54
C GLU A 153 -2.99 -8.53 -23.47
N TYR A 154 -3.93 -9.08 -22.76
CA TYR A 154 -3.76 -9.99 -21.66
C TYR A 154 -4.96 -10.93 -21.66
N ARG A 155 -6.12 -10.33 -21.92
CA ARG A 155 -7.37 -11.03 -22.12
C ARG A 155 -7.46 -11.44 -23.59
N GLU A 156 -6.35 -11.31 -24.29
CA GLU A 156 -6.27 -11.66 -25.69
C GLU A 156 -5.23 -12.75 -25.88
N LEU A 157 -4.10 -12.62 -25.18
CA LEU A 157 -3.03 -13.60 -25.29
C LEU A 157 -3.27 -14.75 -24.33
N VAL A 158 -4.52 -14.86 -23.89
CA VAL A 158 -4.94 -15.88 -22.97
C VAL A 158 -5.21 -17.22 -23.65
N VAL A 159 -4.68 -18.27 -23.02
CA VAL A 159 -4.85 -19.64 -23.50
C VAL A 159 -6.07 -20.35 -22.91
N SER A 160 -7.21 -20.22 -23.56
CA SER A 160 -8.44 -20.83 -23.09
C SER A 160 -8.48 -22.33 -23.38
N LEU A 161 -8.37 -23.15 -22.34
CA LEU A 161 -8.37 -24.60 -22.49
C LEU A 161 -9.66 -25.31 -22.07
N ARG A 162 -10.32 -25.97 -23.01
CA ARG A 162 -11.56 -26.69 -22.78
C ARG A 162 -11.42 -28.16 -23.19
N VAL A 163 -12.50 -28.91 -23.11
CA VAL A 163 -12.51 -30.31 -23.52
C VAL A 163 -13.28 -30.41 -24.82
N GLY A 164 -12.86 -31.29 -25.73
CA GLY A 164 -13.58 -31.45 -27.00
C GLY A 164 -12.88 -30.80 -28.17
N MET A 165 -11.96 -29.88 -27.89
CA MET A 165 -11.22 -29.18 -28.93
C MET A 165 -9.87 -29.86 -29.19
N GLU A 166 -9.41 -29.75 -30.44
CA GLU A 166 -8.20 -30.40 -30.93
C GLU A 166 -7.02 -29.47 -31.20
N ILE A 167 -5.94 -29.66 -30.45
CA ILE A 167 -4.76 -28.82 -30.58
C ILE A 167 -3.52 -29.72 -30.55
N GLU A 168 -2.59 -29.48 -31.45
CA GLU A 168 -1.37 -30.29 -31.49
C GLU A 168 -0.78 -30.46 -30.11
N ARG A 169 0.16 -31.39 -29.98
CA ARG A 169 0.93 -31.59 -28.76
C ARG A 169 2.13 -30.63 -28.82
N ASN A 170 2.30 -30.03 -29.98
CA ASN A 170 3.38 -29.09 -30.21
C ASN A 170 2.81 -27.76 -30.65
N ALA A 171 1.48 -27.68 -30.75
CA ALA A 171 0.81 -26.45 -31.13
C ALA A 171 0.63 -25.52 -29.94
N LEU A 172 0.20 -26.11 -28.81
CA LEU A 172 0.00 -25.39 -27.56
C LEU A 172 1.34 -25.15 -26.87
N LEU A 173 2.30 -26.02 -27.15
CA LEU A 173 3.67 -25.85 -26.67
C LEU A 173 4.24 -24.52 -27.19
N ARG A 174 3.70 -24.01 -28.29
CA ARG A 174 4.11 -22.75 -28.88
C ARG A 174 3.46 -21.45 -28.43
N ARG A 175 2.11 -21.39 -28.41
CA ARG A 175 1.42 -20.23 -27.85
C ARG A 175 1.91 -20.08 -26.41
N LEU A 176 2.37 -21.17 -25.84
CA LEU A 176 3.01 -21.27 -24.57
C LEU A 176 4.37 -20.61 -24.39
N VAL A 177 5.22 -20.63 -25.40
CA VAL A 177 6.54 -20.01 -25.35
C VAL A 177 6.42 -18.62 -25.94
N ASP A 178 5.33 -18.44 -26.68
CA ASP A 178 4.94 -17.18 -27.27
C ASP A 178 4.55 -16.15 -26.23
N ILE A 179 4.36 -16.57 -24.99
CA ILE A 179 4.01 -15.70 -23.88
C ILE A 179 5.08 -15.80 -22.81
N GLN A 180 6.35 -15.72 -23.23
CA GLN A 180 7.43 -15.86 -22.26
C GLN A 180 7.05 -17.07 -21.38
N TYR A 181 7.15 -18.27 -21.96
CA TYR A 181 6.87 -19.55 -21.32
C TYR A 181 6.90 -19.48 -19.81
N ASP A 182 5.95 -20.12 -19.11
CA ASP A 182 5.91 -20.10 -17.66
C ASP A 182 6.85 -21.06 -16.92
N ARG A 183 6.66 -22.36 -17.15
CA ARG A 183 7.46 -23.44 -16.58
C ARG A 183 7.34 -24.64 -17.53
N ASN A 184 7.72 -24.39 -18.79
CA ASN A 184 7.67 -25.40 -19.85
C ASN A 184 9.08 -25.54 -20.48
N ASP A 185 10.08 -25.68 -19.61
CA ASP A 185 11.47 -25.86 -20.00
C ASP A 185 12.21 -26.82 -19.07
N ILE A 186 12.66 -26.32 -17.92
CA ILE A 186 13.37 -27.16 -16.95
C ILE A 186 13.15 -26.58 -15.56
N PHE A 188 13.74 -28.17 -13.09
CA PHE A 188 14.91 -29.05 -12.86
C PHE A 188 14.72 -30.36 -13.62
N ARG A 189 14.11 -30.25 -14.81
CA ARG A 189 13.78 -31.41 -15.64
C ARG A 189 13.38 -31.00 -17.06
N GLY A 190 12.41 -31.72 -17.64
CA GLY A 190 11.89 -31.47 -18.98
C GLY A 190 10.56 -30.70 -18.93
N THR A 191 10.27 -30.13 -17.76
CA THR A 191 9.11 -29.32 -17.47
C THR A 191 7.75 -29.99 -17.65
N PHE A 192 7.19 -29.98 -18.85
CA PHE A 192 5.88 -30.56 -19.11
C PHE A 192 5.83 -31.48 -20.31
N ARG A 193 6.88 -32.30 -20.47
CA ARG A 193 7.01 -33.22 -21.60
C ARG A 193 6.82 -34.69 -21.19
N VAL A 194 5.75 -35.30 -21.67
CA VAL A 194 5.45 -36.72 -21.40
C VAL A 194 4.17 -37.12 -22.14
N ARG A 195 3.81 -38.40 -22.09
CA ARG A 195 2.60 -38.93 -22.70
C ARG A 195 2.61 -38.90 -24.23
N GLY A 196 2.34 -37.74 -24.83
CA GLY A 196 2.31 -37.50 -26.27
C GLY A 196 1.11 -38.09 -27.03
N ASP A 197 1.07 -37.86 -28.34
CA ASP A 197 0.00 -38.34 -29.22
C ASP A 197 -1.14 -37.32 -29.31
N VAL A 198 -2.38 -37.79 -29.52
CA VAL A 198 -3.56 -36.94 -29.46
C VAL A 198 -3.99 -36.81 -27.99
N VAL A 199 -3.46 -37.71 -27.16
CA VAL A 199 -3.66 -37.77 -25.73
C VAL A 199 -2.37 -37.60 -24.93
N GLU A 200 -1.97 -36.35 -24.66
CA GLU A 200 -0.68 -36.02 -24.06
C GLU A 200 -0.73 -35.87 -22.54
N ILE A 201 0.31 -35.25 -21.99
CA ILE A 201 0.41 -35.04 -20.55
C ILE A 201 0.46 -33.52 -20.27
N PHE A 202 1.66 -32.95 -20.41
CA PHE A 202 1.87 -31.53 -20.18
C PHE A 202 1.67 -31.19 -18.71
N PRO A 203 2.78 -30.92 -18.04
CA PRO A 203 2.78 -30.55 -16.62
C PRO A 203 2.95 -29.03 -16.48
N ALA A 204 1.91 -28.29 -16.89
CA ALA A 204 1.87 -26.82 -16.81
C ALA A 204 1.99 -26.35 -15.36
N SER A 205 3.23 -26.12 -14.95
CA SER A 205 3.56 -25.76 -13.58
C SER A 205 3.81 -24.28 -13.38
N ARG A 206 4.73 -23.94 -12.50
CA ARG A 206 5.11 -22.59 -12.13
C ARG A 206 4.53 -21.51 -13.02
N ASP A 207 3.30 -21.09 -12.72
CA ASP A 207 2.63 -20.05 -13.52
C ASP A 207 2.42 -18.74 -12.79
N GLU A 208 3.13 -18.50 -11.69
CA GLU A 208 3.07 -17.31 -10.87
C GLU A 208 1.72 -16.87 -10.36
N HIS A 209 0.70 -16.96 -11.19
CA HIS A 209 -0.67 -16.66 -10.88
C HIS A 209 -1.21 -17.70 -9.91
N CYS A 210 -0.39 -18.66 -9.54
CA CYS A 210 -0.71 -19.72 -8.61
C CYS A 210 0.49 -20.66 -8.50
N ILE A 211 1.67 -20.11 -8.26
CA ILE A 211 2.87 -20.91 -8.01
C ILE A 211 2.93 -21.47 -6.60
N ARG A 212 1.79 -21.58 -5.93
CA ARG A 212 1.63 -22.16 -4.62
C ARG A 212 1.51 -23.68 -4.79
N VAL A 213 2.19 -24.22 -5.79
CA VAL A 213 2.20 -25.62 -6.11
C VAL A 213 0.81 -26.12 -6.50
N GLU A 214 0.42 -25.86 -7.74
CA GLU A 214 -0.89 -26.28 -8.23
C GLU A 214 -0.78 -27.20 -9.46
N PHE A 215 0.28 -27.03 -10.24
CA PHE A 215 0.55 -27.79 -11.45
C PHE A 215 -0.70 -28.33 -12.13
N PHE A 216 -1.13 -27.65 -13.20
CA PHE A 216 -2.32 -28.08 -13.94
C PHE A 216 -2.03 -29.01 -15.12
N GLY A 217 -2.53 -30.24 -15.07
CA GLY A 217 -2.32 -31.22 -16.13
C GLY A 217 -3.57 -31.38 -17.01
N ASP A 218 -3.35 -31.39 -18.33
CA ASP A 218 -4.45 -31.50 -19.30
C ASP A 218 -4.15 -32.44 -20.46
N GLU A 219 -4.37 -33.74 -20.25
CA GLU A 219 -4.19 -34.81 -21.23
C GLU A 219 -5.30 -34.86 -22.26
N ILE A 220 -5.00 -34.58 -23.53
CA ILE A 220 -6.02 -34.55 -24.58
C ILE A 220 -7.32 -33.91 -24.09
N GLU A 221 -7.31 -32.58 -23.99
CA GLU A 221 -8.45 -31.81 -23.52
C GLU A 221 -9.56 -31.92 -24.57
N ARG A 224 -8.81 -34.26 -19.32
CA ARG A 224 -7.53 -33.57 -19.34
C ARG A 224 -7.29 -32.78 -18.04
N GLU A 225 -7.71 -31.53 -18.06
CA GLU A 225 -7.63 -30.56 -17.00
C GLU A 225 -7.89 -31.14 -15.61
N VAL A 226 -6.82 -31.27 -14.82
CA VAL A 226 -6.92 -31.80 -13.46
C VAL A 226 -5.81 -31.33 -12.55
N ASP A 227 -6.09 -30.34 -11.70
CA ASP A 227 -5.08 -29.77 -10.80
C ASP A 227 -4.25 -30.86 -10.13
N ALA A 228 -2.93 -30.74 -10.15
CA ALA A 228 -2.04 -31.75 -9.58
C ALA A 228 -1.21 -31.27 -8.39
N LEU A 229 0.11 -31.44 -8.45
CA LEU A 229 1.06 -31.03 -7.41
C LEU A 229 2.48 -31.52 -7.64
N THR A 230 3.33 -31.49 -6.62
CA THR A 230 4.68 -32.04 -6.66
C THR A 230 4.67 -33.46 -6.10
N GLY A 231 3.51 -33.86 -5.61
CA GLY A 231 3.32 -35.18 -5.03
C GLY A 231 2.25 -35.94 -5.82
N LYS A 232 0.98 -35.67 -5.47
CA LYS A 232 -0.14 -36.35 -6.11
C LYS A 232 -1.23 -35.42 -6.66
N VAL A 233 -2.22 -36.03 -7.32
CA VAL A 233 -3.37 -35.40 -7.94
C VAL A 233 -4.46 -34.96 -6.97
N LEU A 234 -5.35 -34.04 -7.38
CA LEU A 234 -6.41 -33.47 -6.57
C LEU A 234 -7.27 -32.45 -7.33
N GLY A 235 -8.59 -32.45 -7.13
CA GLY A 235 -9.48 -31.48 -7.77
C GLY A 235 -9.63 -31.63 -9.28
N GLU A 236 -10.88 -31.74 -9.78
CA GLU A 236 -11.13 -31.95 -11.20
C GLU A 236 -11.65 -30.73 -11.96
N ARG A 237 -11.22 -30.63 -13.23
CA ARG A 237 -11.61 -29.52 -14.09
C ARG A 237 -11.93 -29.97 -15.51
N GLU A 238 -12.54 -29.09 -16.28
CA GLU A 238 -13.02 -29.26 -17.63
C GLU A 238 -12.91 -27.92 -18.37
N HIS A 239 -12.27 -26.93 -17.72
CA HIS A 239 -12.02 -25.62 -18.28
C HIS A 239 -11.04 -24.76 -17.47
N VAL A 240 -9.84 -24.59 -18.01
CA VAL A 240 -8.78 -23.79 -17.40
C VAL A 240 -8.41 -22.55 -18.22
N ALA A 241 -7.57 -21.69 -17.65
CA ALA A 241 -7.07 -20.50 -18.29
C ALA A 241 -5.62 -20.20 -17.86
N ILE A 242 -4.73 -20.05 -18.83
CA ILE A 242 -3.32 -19.77 -18.54
C ILE A 242 -2.98 -18.33 -18.90
N PHE A 243 -2.21 -17.67 -18.03
CA PHE A 243 -1.90 -16.27 -18.23
C PHE A 243 -0.42 -16.04 -18.50
N PRO A 244 -0.15 -14.96 -19.21
CA PRO A 244 1.20 -14.55 -19.56
C PRO A 244 2.11 -14.51 -18.34
N ALA A 245 3.40 -14.64 -18.53
CA ALA A 245 4.39 -14.63 -17.47
C ALA A 245 5.08 -13.27 -17.36
N SER A 246 4.52 -12.29 -18.06
CA SER A 246 5.07 -10.95 -18.00
C SER A 246 3.86 -10.02 -18.13
N HIS A 247 4.01 -8.84 -17.58
CA HIS A 247 2.91 -7.88 -17.71
C HIS A 247 3.21 -7.02 -18.92
N PHE A 248 4.46 -7.09 -19.37
CA PHE A 248 4.91 -6.32 -20.53
C PHE A 248 5.15 -7.16 -21.78
N VAL A 249 4.36 -8.20 -21.99
CA VAL A 249 4.52 -9.07 -23.15
C VAL A 249 3.88 -8.42 -24.35
N THR A 250 4.40 -8.68 -25.54
CA THR A 250 3.84 -8.15 -26.77
C THR A 250 3.85 -9.15 -27.92
N ARG A 251 3.02 -8.90 -28.93
CA ARG A 251 2.94 -9.83 -30.07
C ARG A 251 4.04 -9.51 -31.09
N GLU A 252 4.61 -10.60 -31.64
CA GLU A 252 5.72 -10.50 -32.56
C GLU A 252 5.45 -9.50 -33.65
N GLU A 253 4.34 -9.65 -34.34
CA GLU A 253 4.06 -8.72 -35.43
C GLU A 253 4.06 -7.26 -34.99
N LYS A 254 3.80 -7.01 -33.72
CA LYS A 254 3.76 -5.67 -33.17
C LYS A 254 5.14 -5.17 -32.77
N MET A 255 5.89 -6.09 -32.15
CA MET A 255 7.29 -5.87 -31.75
C MET A 255 8.15 -5.46 -32.94
N ARG A 256 7.96 -6.19 -34.05
CA ARG A 256 8.65 -5.92 -35.28
C ARG A 256 8.55 -4.43 -35.62
N LEU A 257 7.33 -3.86 -35.57
CA LEU A 257 7.04 -2.48 -35.85
C LEU A 257 7.45 -1.53 -34.74
N ALA A 258 7.27 -1.94 -33.49
CA ALA A 258 7.72 -1.07 -32.40
C ALA A 258 9.18 -0.74 -32.69
N ILE A 259 10.02 -1.75 -32.82
CA ILE A 259 11.45 -1.65 -33.07
C ILE A 259 11.81 -0.61 -34.10
N GLN A 260 11.21 -0.67 -35.27
CA GLN A 260 11.43 0.36 -36.27
C GLN A 260 11.18 1.76 -35.69
N ASN A 261 10.07 1.95 -35.00
CA ASN A 261 9.75 3.21 -34.35
C ASN A 261 10.76 3.66 -33.31
N ILE A 262 11.16 2.77 -32.40
CA ILE A 262 12.19 3.09 -31.44
C ILE A 262 13.31 3.77 -32.21
N GLU A 263 13.83 3.07 -33.22
CA GLU A 263 14.88 3.46 -34.14
C GLU A 263 14.76 4.81 -34.79
N GLN A 264 13.61 5.08 -35.39
CA GLN A 264 13.36 6.40 -35.96
C GLN A 264 13.62 7.48 -34.92
N GLU A 265 13.31 7.22 -33.66
CA GLU A 265 13.52 8.17 -32.59
C GLU A 265 14.96 8.28 -32.17
N LEU A 266 15.59 7.16 -31.81
CA LEU A 266 16.99 7.20 -31.45
C LEU A 266 17.80 7.91 -32.54
N GLU A 267 17.40 7.67 -33.79
CA GLU A 267 18.05 8.34 -34.91
C GLU A 267 17.76 9.84 -34.80
N GLU A 268 16.55 10.27 -35.17
CA GLU A 268 16.06 11.63 -35.12
C GLU A 268 16.20 12.34 -33.79
N ARG A 269 16.80 11.74 -32.78
CA ARG A 269 16.99 12.40 -31.51
C ARG A 269 18.45 12.81 -31.43
N LEU A 270 19.27 12.03 -32.12
CA LEU A 270 20.70 12.33 -32.18
C LEU A 270 20.98 13.49 -33.15
N ALA A 271 20.00 13.77 -34.01
CA ALA A 271 20.06 14.83 -35.00
C ALA A 271 19.73 16.18 -34.37
N GLU A 272 18.81 16.12 -33.41
CA GLU A 272 18.40 17.31 -32.66
C GLU A 272 19.43 17.51 -31.56
N LEU A 273 19.93 16.39 -31.02
CA LEU A 273 20.95 16.43 -29.99
C LEU A 273 22.28 16.80 -30.62
N ARG A 274 22.48 16.37 -31.87
CA ARG A 274 23.68 16.71 -32.62
C ARG A 274 23.81 18.24 -32.74
N ALA A 275 22.84 18.88 -33.39
CA ALA A 275 22.74 20.31 -33.64
C ALA A 275 22.82 21.24 -32.43
N GLN A 276 21.96 21.09 -31.43
CA GLN A 276 21.98 21.92 -30.23
C GLN A 276 23.19 21.62 -29.35
N GLY A 277 23.22 20.42 -28.76
CA GLY A 277 24.24 19.99 -27.85
C GLY A 277 25.53 19.38 -28.37
N LYS A 278 26.26 18.82 -27.42
CA LYS A 278 27.54 18.22 -27.65
C LYS A 278 27.93 17.49 -26.34
N LEU A 279 26.88 16.96 -25.68
CA LEU A 279 27.00 16.13 -24.49
C LEU A 279 27.44 14.70 -24.81
N LEU A 280 28.78 14.58 -24.97
CA LEU A 280 29.39 13.40 -25.55
C LEU A 280 28.90 13.54 -26.99
N GLU A 281 28.80 14.78 -27.44
CA GLU A 281 28.17 15.24 -28.66
C GLU A 281 26.63 15.16 -28.72
N ALA A 282 26.13 14.09 -28.18
CA ALA A 282 24.75 13.75 -28.08
C ALA A 282 24.69 12.30 -27.57
N GLN A 283 25.33 11.43 -28.33
CA GLN A 283 25.44 10.00 -28.10
C GLN A 283 26.03 9.58 -26.75
N ARG A 284 26.44 8.33 -26.67
CA ARG A 284 26.98 7.74 -25.49
C ARG A 284 25.96 6.67 -25.09
N LEU A 285 24.71 6.99 -25.42
CA LEU A 285 23.56 6.13 -25.11
C LEU A 285 23.51 5.01 -26.13
N GLU A 286 24.01 5.29 -27.35
CA GLU A 286 24.06 4.32 -28.43
C GLU A 286 24.59 3.00 -27.88
N GLN A 287 25.54 3.05 -26.96
CA GLN A 287 25.98 1.86 -26.28
C GLN A 287 24.82 0.95 -25.86
N ARG A 288 23.84 1.48 -25.11
CA ARG A 288 22.74 0.64 -24.65
C ARG A 288 21.50 0.63 -25.53
N THR A 289 21.17 1.73 -26.23
CA THR A 289 20.02 1.66 -27.13
C THR A 289 20.22 0.43 -28.02
N ARG A 290 21.18 0.53 -28.95
CA ARG A 290 21.52 -0.53 -29.88
C ARG A 290 21.76 -1.87 -29.22
N TYR A 291 22.50 -1.85 -28.13
CA TYR A 291 22.72 -3.10 -27.43
C TYR A 291 21.37 -3.68 -27.02
N ASP A 292 20.42 -2.79 -26.67
CA ASP A 292 19.08 -3.18 -26.28
C ASP A 292 18.21 -3.72 -27.42
N LEU A 293 18.24 -3.06 -28.58
CA LEU A 293 17.52 -3.50 -29.75
C LEU A 293 17.93 -4.90 -30.22
N GLU A 294 19.23 -5.13 -30.30
CA GLU A 294 19.80 -6.41 -30.70
C GLU A 294 19.33 -7.53 -29.79
N MET A 295 19.20 -7.24 -28.50
CA MET A 295 18.73 -8.24 -27.54
C MET A 295 17.21 -8.34 -27.62
N MET A 296 16.61 -7.43 -28.37
CA MET A 296 15.16 -7.38 -28.51
C MET A 296 14.68 -8.17 -29.69
N ARG A 297 15.09 -7.84 -30.90
CA ARG A 297 14.59 -8.60 -32.04
C ARG A 297 14.95 -10.07 -31.93
N GLU A 298 16.00 -10.37 -31.18
CA GLU A 298 16.42 -11.74 -30.97
C GLU A 298 15.46 -12.40 -30.02
N MET A 299 15.03 -11.70 -28.97
CA MET A 299 14.13 -12.29 -27.97
C MET A 299 13.09 -11.27 -27.55
N GLY A 300 11.83 -11.68 -27.51
CA GLY A 300 10.74 -10.80 -27.14
C GLY A 300 11.04 -9.74 -26.08
N PHE A 301 11.73 -10.08 -25.01
CA PHE A 301 12.07 -9.15 -23.95
C PHE A 301 13.54 -8.73 -23.92
N CYS A 302 13.97 -8.21 -22.79
CA CYS A 302 15.36 -7.75 -22.60
C CYS A 302 15.64 -7.16 -21.21
N SER A 303 16.65 -6.31 -21.12
CA SER A 303 17.08 -5.66 -19.89
C SER A 303 16.03 -4.81 -19.17
N GLY A 304 16.03 -3.50 -19.47
CA GLY A 304 15.11 -2.56 -18.87
C GLY A 304 13.88 -2.32 -19.74
N ILE A 305 13.44 -3.34 -20.43
CA ILE A 305 12.26 -3.32 -21.27
C ILE A 305 11.27 -2.23 -20.94
N GLU A 306 10.68 -2.25 -19.75
CA GLU A 306 9.73 -1.31 -19.23
C GLU A 306 9.88 0.05 -19.84
N ASN A 307 11.10 0.54 -19.94
CA ASN A 307 11.39 1.80 -20.56
C ASN A 307 10.85 1.97 -21.96
N TYR A 308 10.67 0.85 -22.68
CA TYR A 308 10.15 0.97 -24.04
C TYR A 308 8.67 0.69 -24.07
N SER A 309 8.00 0.80 -22.93
CA SER A 309 6.59 0.46 -22.81
C SER A 309 5.70 1.23 -23.75
N ARG A 310 5.87 2.55 -23.83
CA ARG A 310 5.04 3.34 -24.72
C ARG A 310 5.22 2.92 -26.17
N HIS A 311 6.45 2.66 -26.59
CA HIS A 311 6.78 2.26 -27.94
C HIS A 311 6.19 0.93 -28.33
N LEU A 312 6.37 -0.06 -27.48
CA LEU A 312 5.78 -1.37 -27.68
C LEU A 312 4.26 -1.42 -27.76
N ALA A 313 3.61 -0.67 -26.86
CA ALA A 313 2.17 -0.52 -26.87
C ALA A 313 1.69 0.11 -28.16
N LEU A 314 2.52 0.86 -28.84
CA LEU A 314 2.16 1.46 -30.10
C LEU A 314 1.21 2.61 -29.93
N ARG A 315 1.38 3.34 -28.83
CA ARG A 315 0.53 4.49 -28.55
C ARG A 315 1.34 5.77 -28.65
N PRO A 316 0.72 6.82 -29.16
CA PRO A 316 1.30 8.14 -29.37
C PRO A 316 1.96 8.70 -28.14
N PRO A 317 2.99 9.53 -28.31
CA PRO A 317 3.76 10.15 -27.24
C PRO A 317 2.98 11.09 -26.36
N GLY A 318 3.19 11.00 -25.05
CA GLY A 318 2.40 11.81 -24.12
C GLY A 318 1.27 10.97 -23.54
N SER A 319 0.79 9.99 -24.29
CA SER A 319 -0.25 9.08 -23.86
C SER A 319 -0.22 8.82 -22.37
N THR A 320 -1.41 8.57 -21.81
CA THR A 320 -1.50 8.27 -20.38
C THR A 320 -1.24 6.77 -20.25
N PRO A 321 -0.48 6.33 -19.26
CA PRO A 321 -0.11 4.94 -19.14
C PRO A 321 -1.25 4.04 -18.75
N TYR A 322 -0.97 2.76 -18.71
CA TYR A 322 -1.91 1.72 -18.29
C TYR A 322 -1.57 1.34 -16.84
N THR A 323 -2.57 1.04 -16.03
CA THR A 323 -2.37 0.73 -14.62
C THR A 323 -3.34 -0.33 -14.16
N LEU A 324 -3.04 -0.89 -13.00
CA LEU A 324 -3.87 -1.94 -12.41
C LEU A 324 -5.32 -1.52 -12.25
N LEU A 325 -5.56 -0.22 -12.23
CA LEU A 325 -6.90 0.31 -12.14
C LEU A 325 -7.64 0.10 -13.46
N ASP A 326 -6.88 -0.19 -14.51
CA ASP A 326 -7.48 -0.45 -15.80
C ASP A 326 -7.90 -1.89 -15.98
N TYR A 327 -7.41 -2.79 -15.15
CA TYR A 327 -7.84 -4.18 -15.17
C TYR A 327 -9.13 -4.47 -14.40
N PHE A 328 -9.63 -3.53 -13.60
CA PHE A 328 -10.84 -3.71 -12.82
C PHE A 328 -12.09 -3.48 -13.65
N PRO A 329 -13.12 -4.29 -13.50
CA PRO A 329 -14.37 -4.09 -14.22
C PRO A 329 -14.80 -2.65 -14.21
N ASP A 330 -15.62 -2.22 -15.14
CA ASP A 330 -15.98 -0.81 -15.26
C ASP A 330 -16.58 -0.16 -14.03
N ASP A 331 -17.21 -0.94 -13.15
CA ASP A 331 -17.83 -0.42 -11.93
C ASP A 331 -17.28 -1.12 -10.69
N PHE A 332 -16.18 -0.58 -10.17
CA PHE A 332 -15.51 -1.18 -9.03
C PHE A 332 -15.41 -0.13 -7.94
N LEU A 333 -14.82 -0.55 -6.83
CA LEU A 333 -14.68 0.36 -5.70
C LEU A 333 -13.28 0.40 -5.11
N ILE A 334 -12.87 1.60 -4.69
CA ILE A 334 -11.58 1.81 -4.08
C ILE A 334 -11.75 2.36 -2.67
N ILE A 335 -11.07 1.70 -1.75
CA ILE A 335 -10.98 2.10 -0.37
C ILE A 335 -9.58 2.67 -0.17
N VAL A 336 -9.50 3.79 0.49
CA VAL A 336 -8.23 4.46 0.73
C VAL A 336 -8.07 4.57 2.24
N ASP A 337 -7.14 3.81 2.77
CA ASP A 337 -6.84 3.82 4.16
C ASP A 337 -6.02 5.05 4.49
N GLU A 338 -5.98 5.46 5.75
CA GLU A 338 -5.25 6.62 6.22
C GLU A 338 -5.23 7.71 5.16
N SER A 339 -6.37 7.98 4.55
CA SER A 339 -6.47 8.86 3.42
C SER A 339 -5.79 10.19 3.52
N HIS A 340 -5.68 10.82 4.66
CA HIS A 340 -5.03 12.12 4.80
C HIS A 340 -3.52 12.06 4.58
N VAL A 341 -2.95 10.87 4.55
CA VAL A 341 -1.54 10.71 4.28
C VAL A 341 -1.35 10.11 2.90
N THR A 342 -2.04 9.01 2.64
CA THR A 342 -1.94 8.39 1.33
C THR A 342 -2.14 9.38 0.21
N LEU A 343 -3.37 9.79 -0.05
CA LEU A 343 -3.66 10.79 -1.05
C LEU A 343 -2.61 11.83 -1.35
N PRO A 344 -2.14 12.58 -0.37
CA PRO A 344 -1.14 13.58 -0.71
C PRO A 344 0.11 12.99 -1.32
N GLN A 345 0.58 11.89 -0.77
CA GLN A 345 1.79 11.29 -1.26
C GLN A 345 1.62 10.72 -2.64
N LEU A 346 0.52 10.06 -2.87
CA LEU A 346 0.22 9.49 -4.17
C LEU A 346 0.06 10.61 -5.18
N ARG A 347 -0.14 11.84 -4.73
CA ARG A 347 -0.25 13.00 -5.57
C ARG A 347 1.06 13.40 -6.22
N GLY A 348 2.13 13.58 -5.45
CA GLY A 348 3.41 13.95 -5.98
C GLY A 348 4.35 12.83 -6.41
N MET A 349 3.82 11.71 -6.86
CA MET A 349 4.59 10.60 -7.37
C MET A 349 5.10 10.85 -8.79
N TYR A 350 4.23 11.46 -9.60
CA TYR A 350 4.57 11.81 -10.97
C TYR A 350 5.69 12.82 -10.97
N ASN A 351 5.56 13.85 -10.13
CA ASN A 351 6.59 14.87 -10.09
C ASN A 351 7.98 14.34 -9.80
N GLY A 352 8.13 13.46 -8.84
CA GLY A 352 9.43 12.93 -8.47
C GLY A 352 10.02 11.96 -9.47
N ASP A 353 9.18 11.19 -10.15
CA ASP A 353 9.64 10.33 -11.23
C ASP A 353 10.15 11.22 -12.36
N ARG A 354 9.23 11.97 -12.99
CA ARG A 354 9.61 12.92 -14.03
C ARG A 354 10.91 13.64 -13.72
N ALA A 355 11.09 14.06 -12.47
CA ALA A 355 12.29 14.73 -12.06
C ALA A 355 13.53 13.87 -12.26
N ARG A 356 13.61 12.73 -11.62
CA ARG A 356 14.74 11.82 -11.73
C ARG A 356 14.92 11.08 -13.05
N LYS A 357 14.08 11.30 -14.05
CA LYS A 357 14.26 10.60 -15.31
C LYS A 357 14.63 11.59 -16.39
N GLN A 358 14.22 12.86 -16.19
CA GLN A 358 14.51 13.89 -17.19
C GLN A 358 16.01 14.11 -17.16
N VAL A 359 16.60 13.89 -16.00
CA VAL A 359 18.04 14.02 -15.82
C VAL A 359 18.80 13.03 -16.69
N LEU A 360 18.42 11.75 -16.64
CA LEU A 360 18.98 10.69 -17.43
C LEU A 360 18.83 10.96 -18.93
N VAL A 361 17.83 11.70 -19.35
CA VAL A 361 17.59 12.04 -20.73
C VAL A 361 18.45 13.19 -21.24
N ASP A 362 18.79 14.08 -20.32
CA ASP A 362 19.65 15.23 -20.64
C ASP A 362 21.03 14.60 -20.78
N HIS A 363 21.38 13.83 -19.75
CA HIS A 363 22.65 13.11 -19.79
C HIS A 363 22.59 12.02 -20.84
N GLY A 364 21.40 11.68 -21.29
CA GLY A 364 21.17 10.67 -22.31
C GLY A 364 21.42 9.21 -22.01
N PHE A 365 20.71 8.59 -21.05
CA PHE A 365 20.93 7.20 -20.70
C PHE A 365 19.65 6.45 -21.02
N ARG A 366 18.70 7.13 -21.61
CA ARG A 366 17.38 6.69 -22.03
C ARG A 366 16.85 7.84 -22.91
N LEU A 367 15.80 7.67 -23.68
CA LEU A 367 15.34 8.77 -24.54
C LEU A 367 14.00 9.32 -24.12
N PRO A 368 13.62 10.46 -24.66
CA PRO A 368 12.33 11.06 -24.34
C PRO A 368 11.24 10.04 -24.09
N SER A 369 10.99 9.15 -25.04
CA SER A 369 10.00 8.10 -24.96
C SER A 369 10.02 7.35 -23.65
N ALA A 370 11.06 7.45 -22.85
CA ALA A 370 11.15 6.80 -21.57
C ALA A 370 10.39 7.54 -20.49
N LEU A 371 10.14 8.81 -20.73
CA LEU A 371 9.37 9.65 -19.84
C LEU A 371 7.93 9.15 -19.87
N ASP A 372 7.46 8.72 -21.02
CA ASP A 372 6.14 8.19 -21.19
C ASP A 372 5.91 6.91 -20.41
N ASN A 373 6.84 6.45 -19.61
CA ASN A 373 6.67 5.30 -18.77
C ASN A 373 6.72 5.74 -17.31
N ARG A 374 5.56 6.18 -16.81
CA ARG A 374 5.53 6.81 -15.51
C ARG A 374 4.26 6.56 -14.75
N PRO A 375 4.21 7.02 -13.52
CA PRO A 375 3.01 6.86 -12.71
C PRO A 375 1.91 7.80 -13.19
N LEU A 376 0.69 7.69 -12.64
CA LEU A 376 -0.40 8.56 -13.04
C LEU A 376 -0.28 9.95 -12.46
N THR A 377 -1.04 10.88 -12.99
CA THR A 377 -1.06 12.22 -12.41
C THR A 377 -2.27 12.20 -11.50
N PHE A 378 -2.33 13.05 -10.51
CA PHE A 378 -3.56 13.06 -9.71
C PHE A 378 -4.85 13.20 -10.52
N GLU A 379 -4.85 13.96 -11.63
CA GLU A 379 -6.05 14.12 -12.43
C GLU A 379 -6.35 12.86 -13.21
N GLU A 380 -5.29 12.14 -13.56
CA GLU A 380 -5.45 10.91 -14.35
C GLU A 380 -5.97 9.83 -13.42
N PHE A 381 -5.68 10.03 -12.14
CA PHE A 381 -6.19 9.07 -11.16
C PHE A 381 -7.69 9.36 -10.94
N GLU A 382 -8.01 10.65 -10.93
CA GLU A 382 -9.39 11.07 -10.77
C GLU A 382 -10.26 10.55 -11.87
N GLN A 383 -9.91 10.89 -13.13
CA GLN A 383 -10.70 10.46 -14.28
C GLN A 383 -10.92 8.96 -14.32
N LYS A 384 -10.21 8.19 -13.53
CA LYS A 384 -10.39 6.76 -13.50
C LYS A 384 -11.29 6.23 -12.40
N ILE A 385 -11.64 7.05 -11.44
CA ILE A 385 -12.48 6.59 -10.33
C ILE A 385 -13.91 6.28 -10.75
N ASN A 386 -14.46 5.26 -10.10
CA ASN A 386 -15.86 4.93 -10.33
C ASN A 386 -16.67 5.38 -9.12
N GLN A 387 -16.20 4.93 -7.95
CA GLN A 387 -16.78 5.27 -6.66
C GLN A 387 -15.78 4.97 -5.57
N ILE A 388 -15.44 5.94 -4.73
CA ILE A 388 -14.49 5.73 -3.63
C ILE A 388 -15.07 6.04 -2.25
N ILE A 389 -14.34 5.67 -1.22
CA ILE A 389 -14.66 5.84 0.17
C ILE A 389 -13.35 6.04 0.92
N TYR A 390 -13.14 7.22 1.48
CA TYR A 390 -11.92 7.52 2.20
C TYR A 390 -12.05 7.26 3.69
N VAL A 391 -11.08 6.59 4.27
CA VAL A 391 -11.06 6.23 5.68
C VAL A 391 -9.99 6.94 6.49
N SER A 392 -10.38 7.67 7.52
CA SER A 392 -9.43 8.39 8.36
C SER A 392 -10.05 9.15 9.53
N ALA A 393 -9.31 9.19 10.62
CA ALA A 393 -9.66 9.96 11.80
C ALA A 393 -9.39 11.44 11.61
N THR A 394 -8.51 11.74 10.65
CA THR A 394 -8.14 13.11 10.37
C THR A 394 -8.19 13.49 8.92
N PRO A 395 -9.29 13.23 8.25
CA PRO A 395 -9.51 13.52 6.83
C PRO A 395 -8.91 14.83 6.34
N GLY A 396 -8.25 14.79 5.19
CA GLY A 396 -7.65 15.99 4.62
C GLY A 396 -8.64 16.91 3.96
N PRO A 397 -8.18 18.06 3.50
CA PRO A 397 -9.07 19.02 2.85
C PRO A 397 -9.66 18.54 1.53
N TYR A 398 -8.97 17.63 0.84
CA TYR A 398 -9.47 17.14 -0.41
C TYR A 398 -10.74 16.33 -0.24
N GLU A 399 -10.69 15.39 0.70
CA GLU A 399 -11.81 14.48 0.92
C GLU A 399 -13.05 15.24 1.34
N LEU A 400 -12.84 16.25 2.20
CA LEU A 400 -13.98 17.02 2.71
C LEU A 400 -14.61 17.92 1.68
N GLU A 401 -13.80 18.53 0.81
CA GLU A 401 -14.29 19.46 -0.19
C GLU A 401 -14.86 18.77 -1.42
N HIS A 402 -14.81 17.44 -1.42
CA HIS A 402 -15.33 16.73 -2.59
C HIS A 402 -16.43 15.84 -2.09
N SER A 403 -16.37 15.60 -0.78
CA SER A 403 -17.40 14.75 -0.12
C SER A 403 -18.54 15.59 0.48
N PRO A 404 -19.76 15.02 0.46
CA PRO A 404 -20.98 15.62 1.01
C PRO A 404 -21.11 15.33 2.51
N GLY A 405 -20.34 16.07 3.30
CA GLY A 405 -20.33 15.84 4.74
C GLY A 405 -19.62 14.51 4.99
N VAL A 406 -19.55 14.14 6.28
CA VAL A 406 -18.86 12.90 6.65
C VAL A 406 -19.82 11.85 7.19
N VAL A 407 -19.26 10.76 7.68
CA VAL A 407 -20.02 9.67 8.28
C VAL A 407 -19.32 9.28 9.56
N GLU A 408 -19.81 9.85 10.67
CA GLU A 408 -19.16 9.66 11.97
C GLU A 408 -19.28 8.27 12.53
N GLN A 409 -18.19 7.78 13.06
CA GLN A 409 -18.16 6.48 13.72
C GLN A 409 -17.14 6.65 14.84
N ILE A 410 -17.60 7.01 16.05
CA ILE A 410 -16.69 7.33 17.13
C ILE A 410 -16.95 6.67 18.45
N ILE A 411 -17.34 5.41 18.46
CA ILE A 411 -17.60 4.71 19.71
C ILE A 411 -16.88 3.39 19.77
N ARG A 412 -15.81 3.30 20.54
CA ARG A 412 -15.08 2.03 20.65
C ARG A 412 -15.94 0.96 21.31
N PRO A 413 -15.77 -0.30 20.95
CA PRO A 413 -16.49 -1.42 21.51
C PRO A 413 -16.30 -1.58 23.00
N THR A 414 -15.13 -1.23 23.52
CA THR A 414 -14.89 -1.32 24.95
C THR A 414 -15.59 -0.13 25.61
N GLY A 415 -15.96 0.85 24.80
CA GLY A 415 -16.56 2.05 25.35
C GLY A 415 -15.52 2.91 26.04
N LEU A 416 -14.28 2.93 25.57
CA LEU A 416 -13.21 3.75 26.10
C LEU A 416 -13.42 5.12 25.52
N LEU A 417 -12.82 6.15 26.07
CA LEU A 417 -13.10 7.52 25.64
C LEU A 417 -11.89 8.44 25.54
N ASP A 418 -11.94 9.30 24.54
CA ASP A 418 -10.86 10.24 24.26
C ASP A 418 -10.54 11.01 25.52
N PRO A 419 -9.28 11.20 25.84
CA PRO A 419 -8.85 11.84 27.05
C PRO A 419 -9.39 13.23 27.31
N THR A 420 -8.96 13.75 28.43
CA THR A 420 -9.23 15.12 28.84
C THR A 420 -7.90 15.83 28.59
N ILE A 421 -7.96 17.14 28.33
CA ILE A 421 -6.73 17.82 27.95
C ILE A 421 -6.46 19.02 28.81
N ASP A 422 -5.24 19.11 29.29
CA ASP A 422 -4.79 20.22 30.13
C ASP A 422 -3.74 21.04 29.40
N VAL A 423 -3.62 22.32 29.70
CA VAL A 423 -2.66 23.20 29.07
C VAL A 423 -1.96 24.10 30.06
N ARG A 424 -0.67 23.88 30.27
CA ARG A 424 0.07 24.59 31.30
C ARG A 424 1.31 25.31 30.75
N PRO A 425 1.72 26.40 31.40
CA PRO A 425 2.84 27.26 31.16
C PRO A 425 4.13 26.54 30.95
N THR A 426 5.07 27.17 30.23
CA THR A 426 6.36 26.55 29.93
C THR A 426 7.33 26.74 31.08
N LYS A 427 7.05 27.75 31.91
CA LYS A 427 7.81 27.98 33.12
C LYS A 427 7.57 26.91 34.19
N GLY A 428 8.64 26.22 34.58
CA GLY A 428 8.52 25.19 35.61
C GLY A 428 7.86 23.97 35.00
N GLN A 429 7.94 23.86 33.69
CA GLN A 429 7.35 22.78 32.95
C GLN A 429 7.96 21.42 33.21
N ILE A 430 9.22 21.37 33.55
CA ILE A 430 9.90 20.11 33.79
C ILE A 430 9.68 19.51 35.16
N ASP A 431 9.84 20.29 36.22
CA ASP A 431 9.60 19.79 37.56
C ASP A 431 8.12 19.43 37.77
N ASP A 432 7.26 19.97 36.92
CA ASP A 432 5.85 19.70 36.96
C ASP A 432 5.63 18.35 36.32
N LEU A 433 6.13 18.19 35.11
CA LEU A 433 5.99 16.97 34.37
C LEU A 433 6.66 15.78 35.04
N ILE A 434 7.52 16.04 36.04
CA ILE A 434 8.14 14.97 36.80
C ILE A 434 7.21 14.48 37.91
N GLY A 435 6.57 15.45 38.55
CA GLY A 435 5.59 15.18 39.59
C GLY A 435 4.42 14.42 39.03
N GLU A 436 3.83 14.90 37.94
CA GLU A 436 2.73 14.22 37.28
C GLU A 436 3.18 12.91 36.69
N ILE A 437 4.45 12.56 36.79
CA ILE A 437 5.01 11.35 36.24
C ILE A 437 5.29 10.32 37.32
N ARG A 438 5.84 10.80 38.45
CA ARG A 438 6.16 9.94 39.56
C ARG A 438 4.87 9.23 39.93
N GLU A 439 3.79 9.99 40.09
CA GLU A 439 2.47 9.50 40.42
C GLU A 439 1.89 8.43 39.52
N ARG A 440 2.40 8.24 38.33
CA ARG A 440 1.93 7.23 37.41
C ARG A 440 2.67 5.91 37.58
N VAL A 441 3.85 6.04 38.18
CA VAL A 441 4.70 4.88 38.46
C VAL A 441 4.13 4.21 39.71
N GLU A 442 3.58 5.07 40.57
CA GLU A 442 2.98 4.65 41.82
C GLU A 442 1.65 3.98 41.56
N ARG A 443 1.09 4.14 40.40
CA ARG A 443 -0.16 3.50 40.01
C ARG A 443 0.10 2.51 38.88
N ASN A 444 1.34 2.10 38.73
CA ASN A 444 1.73 1.17 37.68
C ASN A 444 1.30 1.58 36.27
N GLU A 445 1.53 2.85 35.91
CA GLU A 445 1.13 3.31 34.59
C GLU A 445 2.28 3.97 33.85
N ARG A 446 2.33 3.82 32.53
CA ARG A 446 3.38 4.40 31.70
C ARG A 446 3.06 5.75 31.07
N THR A 447 4.11 6.50 30.70
CA THR A 447 4.00 7.78 30.03
C THR A 447 4.68 7.86 28.67
N LEU A 448 4.43 8.91 27.91
CA LEU A 448 4.97 9.15 26.60
C LEU A 448 5.16 10.65 26.40
N VAL A 449 6.38 11.06 26.02
CA VAL A 449 6.64 12.47 25.81
C VAL A 449 7.09 12.79 24.39
N THR A 450 6.92 14.05 24.02
CA THR A 450 7.25 14.46 22.68
C THR A 450 7.79 15.88 22.69
N THR A 451 8.83 16.08 21.87
CA THR A 451 9.45 17.38 21.73
C THR A 451 9.50 17.79 20.26
N LEU A 452 10.36 18.76 20.00
CA LEU A 452 10.49 19.23 18.64
C LEU A 452 11.92 19.03 18.14
N THR A 453 12.87 19.30 19.02
CA THR A 453 14.29 19.21 18.69
C THR A 453 14.89 17.97 19.31
N LYS A 454 15.80 17.32 18.58
CA LYS A 454 16.50 16.12 19.04
C LYS A 454 17.49 16.46 20.14
N LYS A 455 17.67 17.75 20.39
CA LYS A 455 18.55 18.21 21.44
C LYS A 455 17.73 18.65 22.63
N MET A 456 16.40 18.55 22.47
CA MET A 456 15.51 18.93 23.56
C MET A 456 15.14 17.60 24.22
N ALA A 457 15.00 16.58 23.37
CA ALA A 457 14.69 15.24 23.87
C ALA A 457 15.87 14.78 24.70
N GLU A 458 17.07 14.92 24.12
CA GLU A 458 18.32 14.55 24.75
C GLU A 458 18.47 15.28 26.08
N ASP A 459 18.24 16.59 26.04
CA ASP A 459 18.25 17.44 27.20
C ASP A 459 17.29 16.98 28.29
N LEU A 460 16.33 16.14 27.94
CA LEU A 460 15.34 15.61 28.87
C LEU A 460 15.65 14.23 29.42
N THR A 461 15.71 13.24 28.56
CA THR A 461 16.06 11.88 28.92
C THR A 461 16.94 11.81 30.16
N ASP A 462 18.06 12.53 30.10
CA ASP A 462 19.01 12.58 31.19
C ASP A 462 18.41 13.25 32.41
N TYR A 463 17.83 14.42 32.18
CA TYR A 463 17.17 15.16 33.25
C TYR A 463 16.24 14.24 34.00
N LEU A 464 15.55 13.37 33.28
CA LEU A 464 14.62 12.41 33.81
C LEU A 464 15.27 11.31 34.62
N LYS A 465 16.24 10.61 34.04
CA LYS A 465 16.98 9.57 34.74
C LYS A 465 17.59 10.12 36.02
N GLU A 466 18.07 11.36 35.93
CA GLU A 466 18.62 12.09 37.05
C GLU A 466 17.54 12.44 38.07
N ALA A 467 16.29 12.10 37.80
CA ALA A 467 15.19 12.34 38.68
C ALA A 467 14.76 11.05 39.38
N GLY A 468 15.35 9.94 38.93
CA GLY A 468 15.03 8.63 39.48
C GLY A 468 13.84 7.97 38.80
N ILE A 469 13.96 7.80 37.49
CA ILE A 469 12.88 7.23 36.70
C ILE A 469 13.42 6.38 35.55
N LYS A 470 12.79 5.24 35.35
CA LYS A 470 13.20 4.38 34.25
C LYS A 470 12.81 5.13 32.99
N VAL A 471 13.78 5.58 32.20
CA VAL A 471 13.46 6.36 31.01
C VAL A 471 13.86 5.75 29.67
N ALA A 472 13.19 6.18 28.62
CA ALA A 472 13.38 5.64 27.29
C ALA A 472 14.56 6.18 26.52
N TYR A 473 14.42 6.31 25.20
CA TYR A 473 15.47 6.74 24.30
C TYR A 473 15.55 8.22 23.98
N LEU A 474 16.29 8.54 22.94
CA LEU A 474 16.50 9.86 22.40
C LEU A 474 16.81 9.88 20.90
N HIS A 475 17.16 8.70 20.35
CA HIS A 475 17.45 8.54 18.93
C HIS A 475 16.28 8.07 18.06
N SER A 476 15.89 8.89 17.09
CA SER A 476 14.78 8.62 16.18
C SER A 476 14.78 7.25 15.53
N GLU A 477 15.58 7.06 14.49
CA GLU A 477 15.68 5.81 13.76
C GLU A 477 16.62 4.79 14.40
N ILE A 478 16.15 4.13 15.44
CA ILE A 478 16.94 3.13 16.16
C ILE A 478 16.58 1.78 15.54
N LYS A 479 16.72 1.67 14.22
CA LYS A 479 16.43 0.45 13.49
C LYS A 479 14.92 0.30 13.43
N THR A 480 14.46 -0.92 13.65
CA THR A 480 13.06 -1.31 13.64
C THR A 480 12.95 -2.59 14.47
N LEU A 481 14.07 -3.28 14.55
CA LEU A 481 14.19 -4.55 15.28
C LEU A 481 14.29 -4.29 16.77
N GLU A 482 15.28 -3.48 17.17
CA GLU A 482 15.49 -3.12 18.57
C GLU A 482 14.35 -2.15 18.95
N ARG A 483 13.81 -1.48 17.94
CA ARG A 483 12.70 -0.56 18.10
C ARG A 483 11.47 -1.28 18.63
N ILE A 484 11.07 -2.34 17.93
CA ILE A 484 9.93 -3.13 18.38
C ILE A 484 10.30 -3.75 19.72
N GLU A 485 11.59 -3.99 19.92
CA GLU A 485 12.11 -4.58 21.13
C GLU A 485 11.90 -3.71 22.37
N ILE A 486 12.08 -2.41 22.25
CA ILE A 486 11.89 -1.55 23.42
C ILE A 486 10.46 -1.10 23.67
N ILE A 487 9.60 -1.22 22.67
CA ILE A 487 8.17 -0.99 22.85
C ILE A 487 7.75 -2.08 23.84
N ARG A 488 8.14 -3.31 23.55
CA ARG A 488 7.88 -4.48 24.37
C ARG A 488 8.44 -4.21 25.77
N ASP A 489 9.65 -3.67 25.80
CA ASP A 489 10.33 -3.34 27.02
C ASP A 489 9.50 -2.40 27.89
N LEU A 490 8.75 -1.49 27.27
CA LEU A 490 7.96 -0.55 28.03
C LEU A 490 6.71 -1.12 28.66
N ARG A 491 5.87 -1.76 27.85
CA ARG A 491 4.66 -2.35 28.40
C ARG A 491 4.97 -3.60 29.20
N LEU A 492 5.87 -3.52 30.16
CA LEU A 492 6.29 -4.62 30.97
C LEU A 492 6.89 -4.21 32.30
N GLY A 493 7.33 -2.96 32.39
CA GLY A 493 7.89 -2.48 33.65
C GLY A 493 9.35 -2.12 33.52
N LYS A 494 9.93 -2.38 32.35
CA LYS A 494 11.34 -2.05 32.13
C LYS A 494 11.48 -0.55 32.37
N TYR A 495 10.72 0.21 31.58
CA TYR A 495 10.70 1.67 31.70
C TYR A 495 9.31 2.19 32.08
N ASP A 496 9.23 3.43 32.56
CA ASP A 496 7.95 4.04 32.93
C ASP A 496 7.59 5.18 32.00
N VAL A 497 8.61 5.83 31.48
CA VAL A 497 8.47 6.94 30.56
C VAL A 497 9.08 6.63 29.21
N LEU A 498 9.00 7.56 28.27
CA LEU A 498 9.57 7.37 26.94
C LEU A 498 9.54 8.64 26.09
N VAL A 499 10.72 9.17 25.74
CA VAL A 499 10.75 10.36 24.92
C VAL A 499 11.03 10.05 23.45
N GLY A 500 10.42 10.85 22.59
CA GLY A 500 10.58 10.64 21.15
C GLY A 500 10.18 11.94 20.49
N ILE A 501 10.54 12.08 19.23
CA ILE A 501 10.13 13.32 18.55
C ILE A 501 8.84 12.93 17.86
N ASN A 502 8.92 11.82 17.12
CA ASN A 502 7.74 11.40 16.36
C ASN A 502 7.06 10.24 17.06
N LEU A 503 5.88 10.50 17.61
CA LEU A 503 5.14 9.41 18.28
C LEU A 503 4.10 8.85 17.35
N LEU A 504 3.92 9.45 16.18
CA LEU A 504 2.97 8.92 15.21
C LEU A 504 3.57 7.71 14.50
N ARG A 505 4.75 7.29 14.90
CA ARG A 505 5.46 6.15 14.37
C ARG A 505 4.84 4.85 14.85
N GLU A 506 4.01 4.24 14.03
CA GLU A 506 3.33 2.99 14.34
C GLU A 506 4.02 2.08 15.34
N GLY A 507 3.20 1.29 16.04
CA GLY A 507 3.69 0.37 17.07
C GLY A 507 3.32 0.93 18.44
N LEU A 508 3.22 2.25 18.52
CA LEU A 508 2.92 3.00 19.71
C LEU A 508 1.43 3.08 20.01
N ASP A 509 0.75 1.94 19.97
CA ASP A 509 -0.65 1.83 20.35
C ASP A 509 -0.64 1.00 21.64
N ILE A 510 -0.04 1.51 22.70
CA ILE A 510 0.11 0.79 23.96
C ILE A 510 -0.94 1.12 25.00
N PRO A 511 -1.50 0.12 25.67
CA PRO A 511 -2.52 0.27 26.68
C PRO A 511 -2.11 0.60 28.10
N GLU A 512 -0.92 0.23 28.51
CA GLU A 512 -0.42 0.52 29.84
C GLU A 512 -0.10 2.00 30.01
N VAL A 513 -0.29 2.78 28.95
CA VAL A 513 0.04 4.19 28.97
C VAL A 513 -1.18 5.05 29.24
N SER A 514 -1.05 5.82 30.31
CA SER A 514 -2.13 6.66 30.80
C SER A 514 -1.95 8.15 30.59
N LEU A 515 -0.73 8.62 30.42
CA LEU A 515 -0.42 10.05 30.28
C LEU A 515 0.45 10.34 29.07
N VAL A 516 0.19 11.45 28.39
CA VAL A 516 0.94 11.84 27.20
C VAL A 516 1.33 13.31 27.27
N ALA A 517 2.61 13.60 27.17
CA ALA A 517 3.11 14.99 27.17
C ALA A 517 3.52 15.57 25.81
N ILE A 518 3.12 16.80 25.56
CA ILE A 518 3.43 17.49 24.33
C ILE A 518 4.16 18.76 24.73
N LEU A 519 5.48 18.74 24.68
CA LEU A 519 6.27 19.88 25.12
C LEU A 519 6.36 21.19 24.35
N ASP A 520 6.01 21.22 23.05
CA ASP A 520 6.08 22.54 22.38
C ASP A 520 4.81 22.74 21.60
N ALA A 521 3.70 22.52 22.25
CA ALA A 521 2.40 22.61 21.61
C ALA A 521 2.17 23.82 20.73
N ASP A 522 2.59 25.02 21.14
CA ASP A 522 2.33 26.21 20.37
C ASP A 522 3.35 26.55 19.29
N LYS A 523 4.37 25.72 19.12
CA LYS A 523 5.38 25.95 18.11
C LYS A 523 4.97 25.62 16.69
N GLU A 524 5.92 25.79 15.76
CA GLU A 524 5.66 25.53 14.36
C GLU A 524 6.22 24.17 13.94
N GLY A 525 5.40 23.46 13.15
CA GLY A 525 5.84 22.14 12.74
C GLY A 525 4.68 21.38 12.15
N PHE A 526 5.05 20.30 11.47
CA PHE A 526 4.06 19.41 10.88
C PHE A 526 3.55 18.54 12.03
N LEU A 527 4.46 18.23 12.95
CA LEU A 527 4.15 17.44 14.13
C LEU A 527 3.47 18.25 15.23
N ARG A 528 2.93 19.41 14.89
CA ARG A 528 2.20 20.25 15.79
C ARG A 528 0.97 20.88 15.15
N SER A 529 0.35 20.15 14.23
CA SER A 529 -0.76 20.64 13.45
C SER A 529 -2.07 20.06 13.94
N GLU A 530 -3.14 20.72 13.49
CA GLU A 530 -4.51 20.31 13.80
C GLU A 530 -4.64 18.80 13.68
N ARG A 531 -4.20 18.27 12.54
CA ARG A 531 -4.29 16.83 12.34
C ARG A 531 -3.29 16.03 13.15
N SER A 532 -2.05 16.44 13.17
CA SER A 532 -0.99 15.71 13.83
C SER A 532 -1.18 15.62 15.34
N LEU A 533 -1.72 16.68 15.95
CA LEU A 533 -1.99 16.70 17.38
C LEU A 533 -3.09 15.72 17.81
N ILE A 534 -4.27 15.84 17.18
CA ILE A 534 -5.33 14.89 17.41
C ILE A 534 -4.77 13.47 17.44
N GLN A 535 -4.00 13.10 16.44
CA GLN A 535 -3.40 11.79 16.31
C GLN A 535 -2.52 11.43 17.49
N THR A 536 -1.70 12.39 17.93
CA THR A 536 -0.86 12.14 19.10
C THR A 536 -1.74 11.95 20.34
N ILE A 537 -2.92 12.57 20.29
CA ILE A 537 -3.82 12.45 21.42
C ILE A 537 -4.36 11.05 21.58
N GLY A 538 -4.84 10.48 20.49
CA GLY A 538 -5.32 9.10 20.52
C GLY A 538 -4.40 8.06 21.15
N ARG A 539 -3.13 8.41 21.35
CA ARG A 539 -2.20 7.50 21.95
C ARG A 539 -2.50 7.42 23.44
N ALA A 540 -3.42 8.23 23.91
CA ALA A 540 -3.81 8.26 25.29
C ALA A 540 -5.24 7.78 25.49
N ALA A 541 -5.78 7.04 24.55
CA ALA A 541 -7.12 6.53 24.66
C ALA A 541 -7.16 5.02 24.66
N ARG A 542 -6.03 4.43 25.01
CA ARG A 542 -5.98 2.96 25.10
C ARG A 542 -6.18 2.60 26.57
N ASN A 543 -6.51 3.59 27.37
CA ASN A 543 -6.59 3.46 28.80
C ASN A 543 -7.81 4.18 29.34
N ALA A 544 -8.17 3.82 30.57
CA ALA A 544 -9.36 4.34 31.22
C ALA A 544 -9.11 5.66 31.90
N ASN A 545 -7.83 5.99 32.11
CA ASN A 545 -7.49 7.28 32.73
C ASN A 545 -6.57 8.10 31.84
N GLY A 546 -6.89 8.11 30.56
CA GLY A 546 -6.08 8.83 29.60
C GLY A 546 -6.15 10.33 29.84
N HIS A 547 -4.99 10.93 30.00
CA HIS A 547 -4.85 12.35 30.12
C HIS A 547 -3.73 12.89 29.24
N VAL A 548 -3.91 14.14 28.80
CA VAL A 548 -2.90 14.80 28.00
C VAL A 548 -2.59 16.18 28.55
N ILE A 549 -1.33 16.45 28.79
CA ILE A 549 -0.86 17.76 29.18
C ILE A 549 -0.12 18.41 28.01
N MET A 550 -0.55 19.61 27.67
CA MET A 550 0.08 20.37 26.63
C MET A 550 0.78 21.54 27.31
N TYR A 551 2.13 21.58 27.27
CA TYR A 551 2.89 22.72 27.77
C TYR A 551 3.13 23.82 26.71
N ALA A 552 2.64 25.04 26.94
CA ALA A 552 2.69 26.12 26.00
C ALA A 552 2.54 27.50 26.59
N ASP A 553 2.61 28.52 25.75
CA ASP A 553 2.55 29.94 26.12
C ASP A 553 1.33 30.62 25.54
N THR A 554 0.79 30.01 24.51
CA THR A 554 -0.29 30.57 23.71
C THR A 554 -1.17 29.44 23.19
N ILE A 555 -2.32 29.78 22.60
CA ILE A 555 -3.19 28.72 22.10
C ILE A 555 -3.33 28.82 20.60
N THR A 556 -2.49 28.11 19.87
CA THR A 556 -2.58 28.16 18.41
C THR A 556 -3.96 27.73 17.95
N LYS A 557 -4.30 28.14 16.73
CA LYS A 557 -5.57 27.81 16.10
C LYS A 557 -5.62 26.30 15.90
N SER A 558 -4.46 25.70 15.71
CA SER A 558 -4.35 24.26 15.54
C SER A 558 -4.71 23.61 16.87
N MET A 559 -4.03 24.04 17.93
CA MET A 559 -4.30 23.51 19.25
C MET A 559 -5.80 23.55 19.54
N GLU A 560 -6.38 24.72 19.35
CA GLU A 560 -7.82 24.92 19.49
C GLU A 560 -8.64 23.82 18.83
N ILE A 561 -8.56 23.69 17.52
CA ILE A 561 -9.31 22.70 16.79
C ILE A 561 -9.22 21.33 17.46
N ALA A 562 -8.00 20.90 17.71
CA ALA A 562 -7.79 19.58 18.29
C ALA A 562 -8.61 19.48 19.56
N ILE A 563 -8.26 20.27 20.56
CA ILE A 563 -8.97 20.27 21.82
C ILE A 563 -10.48 20.34 21.68
N GLN A 564 -10.99 21.25 20.90
CA GLN A 564 -12.41 21.37 20.68
C GLN A 564 -13.01 20.03 20.28
N GLU A 565 -12.45 19.39 19.27
CA GLU A 565 -12.94 18.12 18.77
C GLU A 565 -12.86 17.01 19.82
N THR A 566 -11.69 16.78 20.41
CA THR A 566 -11.52 15.74 21.42
C THR A 566 -12.66 15.84 22.43
N LYS A 567 -12.90 17.06 22.92
CA LYS A 567 -13.96 17.36 23.85
C LYS A 567 -15.28 16.78 23.36
N ARG A 568 -15.87 17.39 22.35
CA ARG A 568 -17.11 16.95 21.75
C ARG A 568 -17.19 15.44 21.59
N ARG A 569 -16.11 14.89 21.08
CA ARG A 569 -15.95 13.47 20.87
C ARG A 569 -16.18 12.71 22.15
N ARG A 570 -15.56 13.14 23.23
CA ARG A 570 -15.64 12.52 24.55
C ARG A 570 -17.02 12.60 25.16
N ALA A 571 -17.62 13.78 25.04
CA ALA A 571 -18.97 13.96 25.54
C ALA A 571 -19.87 12.87 24.97
N ILE A 572 -19.92 12.76 23.64
CA ILE A 572 -20.82 11.77 23.07
C ILE A 572 -20.56 10.34 23.40
N GLN A 573 -19.32 9.99 23.63
CA GLN A 573 -19.00 8.62 24.02
C GLN A 573 -19.54 8.37 25.43
N GLU A 574 -19.56 9.40 26.26
CA GLU A 574 -20.06 9.32 27.63
C GLU A 574 -21.57 9.26 27.79
N GLU A 575 -22.29 10.16 27.13
CA GLU A 575 -23.74 10.09 27.11
C GLU A 575 -24.16 8.72 26.58
N TYR A 576 -23.32 8.08 25.80
CA TYR A 576 -23.58 6.77 25.30
C TYR A 576 -23.37 5.66 26.31
N ASN A 577 -22.28 5.69 27.07
CA ASN A 577 -22.05 4.65 28.07
C ASN A 577 -23.11 4.75 29.15
N ARG A 578 -23.88 5.83 29.15
CA ARG A 578 -24.96 6.12 30.05
C ARG A 578 -26.20 5.32 29.69
N LYS A 579 -26.81 5.67 28.56
CA LYS A 579 -27.97 4.97 28.01
C LYS A 579 -27.80 3.48 27.97
N HIS A 580 -26.59 2.98 27.96
CA HIS A 580 -26.33 1.56 27.82
C HIS A 580 -25.75 0.86 29.03
N GLY A 581 -25.39 1.57 30.08
CA GLY A 581 -24.82 0.91 31.23
C GLY A 581 -23.46 0.26 31.02
N ILE A 582 -22.54 0.92 30.33
CA ILE A 582 -21.19 0.41 30.17
C ILE A 582 -20.18 1.25 30.95
N VAL A 583 -19.26 0.53 31.57
CA VAL A 583 -18.21 1.13 32.40
C VAL A 583 -16.92 0.94 31.63
N PRO A 584 -16.31 2.03 31.20
CA PRO A 584 -15.08 1.92 30.43
C PRO A 584 -13.98 1.13 31.14
N ARG A 585 -13.50 0.09 30.45
CA ARG A 585 -12.38 -0.71 30.97
C ARG A 585 -11.26 -0.83 29.94
N THR A 586 -10.02 -0.74 30.39
CA THR A 586 -8.83 -0.77 29.56
C THR A 586 -8.62 -2.09 28.83
N VAL A 587 -8.29 -1.95 27.55
CA VAL A 587 -8.02 -3.09 26.68
C VAL A 587 -6.83 -3.86 27.23
N LYS A 588 -6.80 -5.14 26.93
CA LYS A 588 -5.64 -5.93 27.33
C LYS A 588 -5.09 -6.55 26.05
N LYS A 589 -3.80 -6.78 26.03
CA LYS A 589 -3.10 -7.38 24.90
C LYS A 589 -2.00 -8.27 25.48
N GLU A 590 -1.62 -9.32 24.76
CA GLU A 590 -0.55 -10.19 25.25
C GLU A 590 0.82 -9.60 24.92
N ILE A 591 1.83 -10.04 25.66
CA ILE A 591 3.20 -9.56 25.50
C ILE A 591 4.12 -10.66 25.00
N ARG A 592 4.20 -10.82 23.68
CA ARG A 592 5.00 -11.87 23.03
C ARG A 592 6.52 -11.77 23.17
N ASP A 593 7.21 -12.24 22.12
CA ASP A 593 8.66 -12.22 22.04
C ASP A 593 9.13 -11.77 20.65
N VAL A 594 10.23 -11.02 20.61
CA VAL A 594 10.79 -10.50 19.36
C VAL A 594 11.78 -11.42 18.63
MG MG B . -5.55 1.77 10.51
ZN ZN C . -12.48 18.50 -8.06
ZN ZN D . -27.59 0.93 21.22
PG ATP E . -6.08 3.40 14.67
O1G ATP E . -5.33 3.87 15.85
O2G ATP E . -6.80 4.48 13.97
O3G ATP E . -5.16 2.72 13.71
PB ATP E . -8.02 1.51 14.09
O1B ATP E . -7.25 1.13 12.86
O2B ATP E . -9.28 2.19 13.78
O3B ATP E . -7.12 2.26 15.17
PA ATP E . -9.20 -0.84 13.88
O1A ATP E . -10.08 -0.05 13.01
O2A ATP E . -8.28 -1.70 13.11
O3A ATP E . -8.34 0.15 14.85
O5' ATP E . -9.82 -1.54 15.16
C5' ATP E . -8.95 -1.91 16.25
C4' ATP E . -9.59 -3.08 16.98
O4' ATP E . -11.02 -3.01 17.09
C3' ATP E . -9.28 -4.52 16.65
O3' ATP E . -8.63 -5.20 17.75
C2' ATP E . -10.67 -5.08 16.24
O2' ATP E . -10.82 -6.46 16.59
C1' ATP E . -11.65 -4.25 17.08
N9 ATP E . -13.06 -4.37 16.76
C8 ATP E . -13.74 -3.58 15.88
N7 ATP E . -15.01 -3.63 15.79
C5 ATP E . -15.29 -4.54 16.68
C6 ATP E . -16.56 -4.99 17.01
N6 ATP E . -17.67 -4.55 16.42
N1 ATP E . -16.58 -5.95 17.96
C2 ATP E . -15.40 -6.38 18.54
N3 ATP E . -14.18 -5.99 18.28
C4 ATP E . -14.16 -5.04 17.32
#